data_5Z5P
#
_entry.id   5Z5P
#
_cell.length_a   58.742
_cell.length_b   61.945
_cell.length_c   115.960
_cell.angle_alpha   90.00
_cell.angle_beta   90.00
_cell.angle_gamma   90.00
#
_symmetry.space_group_name_H-M   'P 2 21 21'
#
loop_
_entity.id
_entity.type
_entity.pdbx_description
1 polymer Concanavalin-A
2 non-polymer 'MANGANESE (II) ION'
3 non-polymer 'CALCIUM ION'
4 non-polymer '2-[2-(2-{4-[(alpha-D-mannopyranosyloxy)methyl]-1H-1,2,3-triazol-1-yl}ethoxy)ethoxy]ethyl 2-[3,6-bis(diethylamino)-9H-xanthen-9-yl]benzoate'
5 water water
#
_entity_poly.entity_id   1
_entity_poly.type   'polypeptide(L)'
_entity_poly.pdbx_seq_one_letter_code
;ADTIVAVELDTYPNTDIGDPSYPHIGIDIKSVRSKKTAKWNMQNGKVGTAHIIYNSVDKRLSAVVSYPNADSATVSYDVD
LDNVLPEWVRVGLSASTGLYKETNTILSWSFTSKLKSNSTHETNALHFMFNQFSKDQKDLILQGDATTGTDGNLELTRVS
SNGSPQGSSVGRALFYAPVHIWESSAVVASFEATFTFLIKSPDSHPADGIAFFISNIDSSIPSGSTGRLLGLFPDAN
;
_entity_poly.pdbx_strand_id   A,B
#
loop_
_chem_comp.id
_chem_comp.type
_chem_comp.name
_chem_comp.formula
CA non-polymer 'CALCIUM ION' 'Ca 2'
MN non-polymer 'MANGANESE (II) ION' 'Mn 2'
R3M non-polymer '2-[2-(2-{4-[(alpha-D-mannopyranosyloxy)methyl]-1H-1,2,3-triazol-1-yl}ethoxy)ethoxy]ethyl 2-[3,6-bis(diethylamino)-9H-xanthen-9-yl]benzoate' 'C43 H57 N5 O11'
#
# COMPACT_ATOMS: atom_id res chain seq x y z
N ALA A 1 -9.74 7.83 13.84
CA ALA A 1 -10.26 6.72 12.99
C ALA A 1 -9.30 5.59 13.18
N ASP A 2 -9.81 4.38 13.07
CA ASP A 2 -8.99 3.22 13.21
C ASP A 2 -8.06 2.97 12.07
N THR A 3 -7.14 2.04 12.24
CA THR A 3 -6.16 1.59 11.22
C THR A 3 -6.40 0.10 11.01
N ILE A 4 -6.68 -0.35 9.78
CA ILE A 4 -7.13 -1.72 9.50
C ILE A 4 -6.34 -2.31 8.43
N VAL A 5 -5.91 -3.56 8.65
CA VAL A 5 -5.46 -4.46 7.58
C VAL A 5 -6.42 -5.63 7.63
N ALA A 6 -6.92 -6.08 6.51
CA ALA A 6 -7.91 -7.16 6.52
C ALA A 6 -7.87 -8.08 5.34
N VAL A 7 -8.33 -9.31 5.52
CA VAL A 7 -8.66 -10.21 4.41
C VAL A 7 -10.17 -10.28 4.34
N GLU A 8 -10.69 -9.83 3.20
CA GLU A 8 -12.19 -9.87 3.03
C GLU A 8 -12.67 -11.08 2.15
N LEU A 9 -13.75 -11.69 2.56
CA LEU A 9 -14.53 -12.66 1.83
CA LEU A 9 -14.53 -12.66 1.83
C LEU A 9 -15.83 -11.90 1.48
N ASP A 10 -15.79 -11.28 0.29
CA ASP A 10 -16.81 -10.32 -0.15
C ASP A 10 -17.84 -11.06 -0.99
N THR A 11 -19.06 -11.14 -0.47
CA THR A 11 -20.10 -11.90 -1.16
C THR A 11 -20.89 -11.05 -2.13
N TYR A 12 -20.80 -9.70 -2.09
CA TYR A 12 -21.71 -8.86 -2.83
C TYR A 12 -20.88 -7.90 -3.62
N PRO A 13 -20.88 -7.94 -4.99
CA PRO A 13 -20.20 -6.90 -5.73
C PRO A 13 -20.75 -5.50 -5.73
N ASN A 14 -20.02 -4.57 -5.15
CA ASN A 14 -20.26 -3.12 -5.20
C ASN A 14 -19.33 -2.48 -6.19
N THR A 15 -19.69 -2.46 -7.48
CA THR A 15 -18.75 -2.05 -8.48
C THR A 15 -18.54 -0.55 -8.44
N ASP A 16 -19.51 0.16 -7.86
CA ASP A 16 -19.39 1.61 -7.72
C ASP A 16 -18.25 2.06 -6.79
N ILE A 17 -17.72 1.15 -5.92
CA ILE A 17 -16.57 1.37 -5.04
C ILE A 17 -15.38 0.39 -5.36
N GLY A 18 -15.27 0.00 -6.63
CA GLY A 18 -14.19 -0.82 -7.17
C GLY A 18 -14.14 -2.34 -6.95
N ASP A 19 -15.19 -2.95 -6.41
CA ASP A 19 -15.16 -4.42 -6.29
C ASP A 19 -15.51 -5.10 -7.64
N PRO A 20 -14.66 -6.04 -8.10
CA PRO A 20 -14.90 -6.75 -9.37
C PRO A 20 -16.36 -7.21 -9.41
N SER A 21 -16.79 -7.61 -10.59
N SER A 21 -16.90 -7.59 -10.58
CA SER A 21 -18.11 -8.04 -10.85
CA SER A 21 -18.32 -7.94 -10.70
C SER A 21 -18.36 -9.53 -10.53
C SER A 21 -18.70 -9.37 -10.27
N TYR A 22 -17.94 -9.98 -9.37
CA TYR A 22 -18.21 -11.32 -8.89
C TYR A 22 -17.82 -11.37 -7.40
N PRO A 23 -18.40 -12.29 -6.63
CA PRO A 23 -17.87 -12.57 -5.27
C PRO A 23 -16.36 -12.80 -5.29
N HIS A 24 -15.65 -12.31 -4.28
CA HIS A 24 -14.20 -12.29 -4.33
C HIS A 24 -13.57 -12.30 -2.98
N ILE A 25 -12.32 -12.68 -2.95
N ILE A 25 -12.33 -12.78 -2.93
CA ILE A 25 -11.52 -12.45 -1.74
CA ILE A 25 -11.41 -12.60 -1.76
C ILE A 25 -10.50 -11.39 -2.04
C ILE A 25 -10.55 -11.38 -2.05
N GLY A 26 -10.21 -10.54 -1.04
CA GLY A 26 -9.35 -9.41 -1.23
C GLY A 26 -8.50 -9.08 -0.04
N ILE A 27 -7.43 -8.40 -0.30
CA ILE A 27 -6.57 -7.90 0.74
C ILE A 27 -6.77 -6.40 0.85
N ASP A 28 -7.15 -5.93 2.02
CA ASP A 28 -7.54 -4.51 2.27
C ASP A 28 -6.49 -3.89 3.19
N ILE A 29 -5.86 -2.81 2.77
CA ILE A 29 -4.86 -2.13 3.58
CA ILE A 29 -4.86 -2.13 3.58
C ILE A 29 -5.32 -0.69 3.73
N LYS A 30 -5.96 -0.38 4.83
CA LYS A 30 -6.44 0.95 5.16
C LYS A 30 -7.52 1.54 4.22
N SER A 31 -8.16 0.64 3.51
CA SER A 31 -9.30 1.01 2.62
C SER A 31 -10.07 -0.21 2.25
N VAL A 32 -11.38 -0.06 2.11
CA VAL A 32 -12.25 -1.10 1.65
C VAL A 32 -12.00 -1.44 0.16
N ARG A 33 -11.33 -0.51 -0.57
CA ARG A 33 -11.02 -0.75 -1.97
C ARG A 33 -9.74 -1.64 -2.00
N SER A 34 -9.94 -2.92 -2.18
CA SER A 34 -8.91 -3.94 -2.08
C SER A 34 -7.68 -3.60 -2.96
N LYS A 35 -6.47 -3.87 -2.43
CA LYS A 35 -5.26 -3.73 -3.18
C LYS A 35 -5.18 -4.79 -4.24
N LYS A 36 -5.70 -5.97 -3.97
CA LYS A 36 -5.79 -7.09 -4.88
C LYS A 36 -6.93 -8.01 -4.50
N THR A 37 -7.60 -8.60 -5.50
CA THR A 37 -8.64 -9.51 -5.37
C THR A 37 -8.43 -10.76 -6.22
N ALA A 38 -9.14 -11.80 -5.85
CA ALA A 38 -9.30 -13.00 -6.69
C ALA A 38 -10.75 -13.41 -6.69
N LYS A 39 -11.21 -13.97 -7.84
CA LYS A 39 -12.53 -14.51 -7.90
C LYS A 39 -12.80 -15.64 -6.90
N TRP A 40 -13.97 -15.65 -6.30
CA TRP A 40 -14.31 -16.59 -5.27
C TRP A 40 -15.62 -17.22 -5.67
N ASN A 41 -15.64 -18.54 -5.80
CA ASN A 41 -16.82 -19.30 -6.15
C ASN A 41 -17.50 -19.71 -4.88
N MET A 42 -18.19 -18.73 -4.32
CA MET A 42 -18.87 -18.88 -3.05
CA MET A 42 -18.91 -18.86 -3.04
C MET A 42 -19.96 -19.97 -3.16
N GLN A 43 -20.09 -20.82 -2.13
CA GLN A 43 -21.08 -21.92 -2.10
C GLN A 43 -22.02 -21.72 -0.94
N ASN A 44 -23.21 -21.19 -1.25
CA ASN A 44 -24.32 -20.93 -0.31
C ASN A 44 -24.63 -22.16 0.57
N GLY A 45 -24.61 -22.04 1.90
CA GLY A 45 -25.01 -23.16 2.76
C GLY A 45 -23.93 -24.22 3.01
N LYS A 46 -22.77 -24.09 2.42
CA LYS A 46 -21.63 -25.09 2.58
C LYS A 46 -20.54 -24.50 3.49
N VAL A 47 -20.02 -25.29 4.42
CA VAL A 47 -18.89 -24.81 5.28
C VAL A 47 -17.63 -24.58 4.52
N GLY A 48 -17.07 -23.37 4.63
CA GLY A 48 -15.84 -23.04 4.06
C GLY A 48 -14.72 -22.78 5.10
N THR A 49 -13.52 -22.78 4.57
CA THR A 49 -12.32 -22.54 5.37
C THR A 49 -11.51 -21.42 4.73
N ALA A 50 -11.02 -20.49 5.56
CA ALA A 50 -10.12 -19.42 5.18
C ALA A 50 -8.81 -19.55 5.94
N HIS A 51 -7.71 -19.36 5.26
N HIS A 51 -7.69 -19.45 5.26
CA HIS A 51 -6.39 -19.38 5.90
CA HIS A 51 -6.35 -19.53 5.89
C HIS A 51 -5.62 -18.13 5.49
C HIS A 51 -5.56 -18.23 5.49
N ILE A 52 -5.00 -17.46 6.44
CA ILE A 52 -4.27 -16.22 6.22
C ILE A 52 -2.88 -16.39 6.79
N ILE A 53 -1.87 -16.00 6.06
CA ILE A 53 -0.49 -16.07 6.55
CA ILE A 53 -0.47 -16.13 6.48
C ILE A 53 0.31 -14.88 6.20
N TYR A 54 1.24 -14.52 7.06
CA TYR A 54 2.10 -13.37 6.90
C TYR A 54 3.51 -13.73 7.43
N ASN A 55 4.63 -13.39 6.78
CA ASN A 55 5.97 -13.38 7.47
C ASN A 55 6.75 -12.18 7.13
N SER A 56 7.57 -11.67 8.10
CA SER A 56 8.40 -10.44 7.92
C SER A 56 9.70 -10.65 7.12
N VAL A 57 9.91 -11.84 6.60
CA VAL A 57 11.10 -12.27 5.83
C VAL A 57 10.80 -11.76 4.46
N ASP A 58 9.75 -12.31 3.91
CA ASP A 58 9.26 -11.75 2.59
CA ASP A 58 9.19 -11.86 2.55
C ASP A 58 8.16 -10.59 2.66
N LYS A 59 7.61 -10.47 3.83
CA LYS A 59 6.68 -9.37 4.17
C LYS A 59 5.54 -9.39 3.13
N ARG A 60 4.94 -10.55 2.98
CA ARG A 60 3.84 -10.71 2.10
C ARG A 60 2.69 -11.33 2.85
N LEU A 61 1.53 -10.74 2.68
CA LEU A 61 0.27 -11.23 3.24
C LEU A 61 -0.39 -12.08 2.20
N SER A 62 -0.69 -13.32 2.58
CA SER A 62 -1.37 -14.32 1.68
C SER A 62 -2.61 -14.83 2.30
N ALA A 63 -3.58 -15.24 1.50
CA ALA A 63 -4.79 -15.79 1.93
C ALA A 63 -5.43 -16.80 0.98
N VAL A 64 -6.07 -17.81 1.45
CA VAL A 64 -6.73 -18.83 0.64
CA VAL A 64 -6.75 -18.78 0.65
C VAL A 64 -8.06 -19.13 1.25
N VAL A 65 -9.11 -19.31 0.42
CA VAL A 65 -10.42 -19.72 0.88
CA VAL A 65 -10.42 -19.70 0.87
C VAL A 65 -10.86 -20.93 0.05
N SER A 66 -11.38 -21.94 0.70
CA SER A 66 -11.85 -23.13 -0.05
C SER A 66 -12.96 -23.86 0.63
N TYR A 67 -13.51 -24.81 -0.11
CA TYR A 67 -14.46 -25.77 0.35
C TYR A 67 -13.96 -27.17 -0.04
N PRO A 68 -14.45 -28.22 0.67
CA PRO A 68 -14.23 -29.63 0.22
C PRO A 68 -14.37 -29.85 -1.29
N ASN A 69 -13.33 -30.45 -1.90
CA ASN A 69 -13.42 -30.90 -3.29
C ASN A 69 -13.73 -29.80 -4.31
N ALA A 70 -13.35 -28.54 -4.00
CA ALA A 70 -13.38 -27.46 -4.98
C ALA A 70 -12.02 -26.81 -5.08
N ASP A 71 -11.81 -26.10 -6.18
CA ASP A 71 -10.63 -25.31 -6.36
C ASP A 71 -10.71 -24.18 -5.32
N SER A 72 -9.54 -23.85 -4.82
N SER A 72 -9.57 -23.89 -4.74
CA SER A 72 -9.39 -22.72 -3.92
CA SER A 72 -9.45 -22.75 -3.88
C SER A 72 -9.15 -21.41 -4.65
C SER A 72 -9.38 -21.44 -4.66
N ALA A 73 -9.44 -20.33 -3.92
CA ALA A 73 -9.18 -19.02 -4.34
C ALA A 73 -8.06 -18.39 -3.45
N THR A 74 -7.11 -17.74 -4.04
CA THR A 74 -5.88 -17.28 -3.38
CA THR A 74 -5.93 -17.27 -3.36
C THR A 74 -5.51 -15.87 -3.79
N VAL A 75 -4.96 -15.08 -2.86
CA VAL A 75 -4.44 -13.76 -3.12
C VAL A 75 -3.26 -13.43 -2.22
N SER A 76 -2.29 -12.71 -2.70
CA SER A 76 -1.11 -12.35 -1.95
C SER A 76 -0.73 -10.90 -2.32
N TYR A 77 -0.02 -10.21 -1.40
CA TYR A 77 0.36 -8.85 -1.60
C TYR A 77 1.49 -8.44 -0.67
N ASP A 78 2.39 -7.61 -1.19
CA ASP A 78 3.42 -7.04 -0.34
C ASP A 78 2.77 -6.11 0.70
N VAL A 79 3.11 -6.27 1.98
CA VAL A 79 2.67 -5.38 3.04
C VAL A 79 3.81 -5.26 4.04
N ASP A 80 4.20 -4.04 4.38
CA ASP A 80 5.21 -3.83 5.41
C ASP A 80 4.39 -3.44 6.65
N LEU A 81 4.11 -4.39 7.54
CA LEU A 81 3.28 -4.08 8.70
C LEU A 81 3.73 -2.96 9.60
N ASP A 82 5.05 -2.77 9.67
CA ASP A 82 5.62 -1.73 10.51
C ASP A 82 5.15 -0.35 10.08
N ASN A 83 5.04 -0.14 8.78
CA ASN A 83 4.58 1.16 8.27
C ASN A 83 3.10 1.20 7.91
N VAL A 84 2.30 0.20 8.35
CA VAL A 84 0.84 0.27 8.26
C VAL A 84 0.21 0.25 9.66
N LEU A 85 0.63 -0.65 10.52
CA LEU A 85 -0.10 -0.88 11.76
C LEU A 85 0.71 -0.35 12.92
N PRO A 86 0.04 -0.07 14.03
CA PRO A 86 0.77 0.26 15.24
C PRO A 86 1.42 -1.01 15.74
N GLU A 87 2.37 -0.86 16.61
CA GLU A 87 3.14 -1.92 17.12
C GLU A 87 2.33 -3.06 17.89
N TRP A 88 1.31 -2.54 18.58
CA TRP A 88 0.38 -3.43 19.31
C TRP A 88 -0.96 -3.31 18.57
N VAL A 89 -1.62 -4.46 18.46
CA VAL A 89 -2.88 -4.57 17.69
C VAL A 89 -3.84 -5.43 18.44
N ARG A 90 -5.12 -5.42 18.00
CA ARG A 90 -6.01 -6.59 18.26
C ARG A 90 -6.31 -7.27 16.93
N VAL A 91 -6.70 -8.53 17.03
CA VAL A 91 -7.12 -9.31 15.90
C VAL A 91 -8.57 -9.67 16.07
N GLY A 92 -9.24 -9.83 14.94
CA GLY A 92 -10.66 -10.13 14.97
C GLY A 92 -11.29 -10.64 13.70
N LEU A 93 -12.58 -10.90 13.85
CA LEU A 93 -13.48 -11.26 12.69
C LEU A 93 -14.65 -10.26 12.69
N SER A 94 -14.97 -9.82 11.47
CA SER A 94 -16.11 -8.87 11.26
C SER A 94 -17.01 -9.37 10.14
N ALA A 95 -18.26 -8.96 10.21
CA ALA A 95 -19.21 -9.23 9.12
C ALA A 95 -20.29 -8.21 9.12
N SER A 96 -20.93 -8.12 7.92
CA SER A 96 -22.06 -7.22 7.80
C SER A 96 -23.07 -7.78 6.79
N THR A 97 -24.27 -7.17 6.84
CA THR A 97 -25.33 -7.32 5.83
C THR A 97 -25.81 -5.88 5.54
N GLY A 98 -26.67 -5.73 4.56
CA GLY A 98 -27.13 -4.43 4.00
C GLY A 98 -28.58 -4.52 3.62
N LEU A 99 -28.79 -4.19 2.36
CA LEU A 99 -30.13 -4.45 1.77
C LEU A 99 -30.35 -5.90 1.32
N TYR A 100 -29.25 -6.63 1.09
CA TYR A 100 -29.22 -8.04 0.96
C TYR A 100 -28.56 -8.66 2.18
N LYS A 101 -28.79 -9.93 2.50
CA LYS A 101 -28.41 -10.46 3.83
C LYS A 101 -27.95 -11.94 3.70
N GLU A 102 -27.32 -12.43 4.77
CA GLU A 102 -26.76 -13.80 4.85
C GLU A 102 -26.53 -14.07 6.30
N THR A 103 -26.46 -15.33 6.69
CA THR A 103 -25.90 -15.69 8.01
C THR A 103 -24.36 -15.54 7.88
N ASN A 104 -23.69 -15.07 8.93
CA ASN A 104 -22.23 -14.90 8.93
C ASN A 104 -21.71 -15.70 10.14
N THR A 105 -21.76 -17.01 10.02
CA THR A 105 -21.60 -17.90 11.18
C THR A 105 -20.16 -18.42 11.17
N ILE A 106 -19.47 -18.31 12.30
CA ILE A 106 -18.10 -18.82 12.46
C ILE A 106 -18.18 -20.05 13.38
N LEU A 107 -17.62 -21.15 12.81
CA LEU A 107 -17.66 -22.43 13.58
CA LEU A 107 -17.62 -22.50 13.43
C LEU A 107 -16.36 -22.73 14.27
N SER A 108 -15.28 -22.08 13.88
CA SER A 108 -13.96 -22.21 14.53
C SER A 108 -13.11 -21.06 14.12
N TRP A 109 -12.07 -20.79 14.93
CA TRP A 109 -11.16 -19.68 14.68
C TRP A 109 -9.88 -19.93 15.46
N SER A 110 -8.73 -19.93 14.77
CA SER A 110 -7.42 -20.02 15.37
C SER A 110 -6.53 -18.94 14.90
N PHE A 111 -5.49 -18.62 15.70
CA PHE A 111 -4.53 -17.58 15.43
C PHE A 111 -3.22 -17.89 16.15
N THR A 112 -2.13 -17.66 15.45
CA THR A 112 -0.74 -17.81 15.98
C THR A 112 0.08 -16.65 15.56
N SER A 113 0.81 -16.07 16.48
N SER A 113 0.80 -16.08 16.49
CA SER A 113 1.79 -15.01 16.14
CA SER A 113 1.81 -15.09 16.14
C SER A 113 3.11 -15.17 16.92
C SER A 113 3.14 -15.42 16.84
N LYS A 114 4.25 -15.01 16.24
CA LYS A 114 5.57 -15.12 16.80
C LYS A 114 6.36 -13.92 16.46
N LEU A 115 7.16 -13.42 17.40
CA LEU A 115 7.99 -12.25 17.16
C LEU A 115 9.47 -12.57 17.34
N THR A 123 12.32 -15.70 21.24
CA THR A 123 10.97 -15.64 20.67
C THR A 123 9.82 -15.43 21.67
N ASN A 124 8.92 -14.46 21.40
CA ASN A 124 7.63 -14.34 22.09
C ASN A 124 6.56 -14.88 21.17
N ALA A 125 5.56 -15.52 21.71
CA ALA A 125 4.48 -16.15 20.92
C ALA A 125 3.11 -16.07 21.60
N LEU A 126 2.04 -15.99 20.81
CA LEU A 126 0.68 -16.14 21.22
C LEU A 126 -0.02 -17.09 20.34
N HIS A 127 -0.85 -17.96 20.91
CA HIS A 127 -1.69 -18.83 20.15
C HIS A 127 -2.99 -18.97 20.83
N PHE A 128 -4.09 -18.93 20.06
CA PHE A 128 -5.39 -19.33 20.56
C PHE A 128 -6.13 -20.16 19.58
N MET A 129 -7.04 -21.02 20.04
CA MET A 129 -7.81 -21.88 19.17
C MET A 129 -9.19 -21.98 19.74
N PHE A 130 -10.21 -21.62 18.94
CA PHE A 130 -11.60 -21.83 19.31
C PHE A 130 -12.19 -22.83 18.37
N ASN A 131 -12.47 -24.01 18.81
CA ASN A 131 -13.23 -24.99 17.98
C ASN A 131 -14.68 -25.07 18.39
N GLN A 132 -15.01 -24.36 19.45
CA GLN A 132 -16.40 -24.22 19.97
C GLN A 132 -16.46 -22.87 20.67
N PHE A 133 -17.57 -22.19 20.61
CA PHE A 133 -17.76 -20.96 21.32
C PHE A 133 -18.81 -21.11 22.35
N SER A 134 -18.66 -20.53 23.52
CA SER A 134 -19.68 -20.62 24.57
C SER A 134 -20.46 -19.36 24.69
N LYS A 135 -21.58 -19.45 25.42
CA LYS A 135 -22.47 -18.35 25.66
C LYS A 135 -21.75 -17.23 26.32
N ASP A 136 -20.87 -17.52 27.26
CA ASP A 136 -20.18 -16.35 27.84
C ASP A 136 -18.67 -16.56 27.55
N GLN A 137 -18.20 -16.10 26.40
N GLN A 137 -18.23 -16.04 26.44
CA GLN A 137 -16.84 -16.42 26.00
CA GLN A 137 -16.90 -16.34 26.01
C GLN A 137 -15.99 -15.23 26.36
C GLN A 137 -16.02 -15.19 26.38
N LYS A 138 -15.49 -15.23 27.60
CA LYS A 138 -14.87 -14.10 28.24
C LYS A 138 -13.58 -13.62 27.56
N ASP A 139 -12.94 -14.46 26.78
CA ASP A 139 -11.74 -14.06 26.02
C ASP A 139 -12.01 -13.52 24.63
N LEU A 140 -13.27 -13.19 24.34
CA LEU A 140 -13.68 -12.47 23.13
C LEU A 140 -14.36 -11.16 23.51
N ILE A 141 -14.05 -10.14 22.73
CA ILE A 141 -14.74 -8.85 22.82
C ILE A 141 -15.76 -8.85 21.69
N LEU A 142 -17.04 -8.80 22.01
CA LEU A 142 -18.16 -8.82 21.01
C LEU A 142 -18.58 -7.44 20.81
N GLN A 143 -18.63 -7.01 19.52
CA GLN A 143 -19.02 -5.67 19.15
C GLN A 143 -20.27 -5.74 18.24
N GLY A 144 -21.15 -4.75 18.38
CA GLY A 144 -22.31 -4.69 17.46
C GLY A 144 -23.27 -5.79 17.69
N ASP A 145 -23.66 -6.50 16.63
CA ASP A 145 -24.69 -7.52 16.71
C ASP A 145 -24.11 -8.91 17.03
N ALA A 146 -22.77 -9.03 17.11
CA ALA A 146 -22.15 -10.35 17.29
C ALA A 146 -22.55 -11.05 18.57
N THR A 147 -22.80 -12.35 18.51
CA THR A 147 -23.14 -13.17 19.66
C THR A 147 -22.46 -14.50 19.63
N THR A 148 -22.28 -15.11 20.81
CA THR A 148 -21.82 -16.48 20.83
C THR A 148 -22.82 -17.32 21.56
N GLY A 149 -22.57 -18.61 21.42
CA GLY A 149 -23.19 -19.64 22.19
C GLY A 149 -24.41 -20.22 21.68
N GLY A 152 -22.78 -23.38 20.09
CA GLY A 152 -21.36 -23.45 19.89
C GLY A 152 -20.74 -22.59 18.84
N ASN A 153 -21.53 -21.76 18.18
CA ASN A 153 -21.02 -20.93 17.12
C ASN A 153 -20.95 -19.46 17.50
N LEU A 154 -20.17 -18.74 16.70
CA LEU A 154 -20.11 -17.28 16.76
C LEU A 154 -20.93 -16.77 15.60
N GLU A 155 -22.00 -16.01 15.88
CA GLU A 155 -22.84 -15.39 14.86
C GLU A 155 -22.44 -13.92 14.81
N LEU A 156 -21.77 -13.56 13.71
CA LEU A 156 -21.24 -12.18 13.59
C LEU A 156 -22.33 -11.15 13.37
N THR A 157 -23.34 -11.52 12.58
CA THR A 157 -24.49 -10.64 12.31
C THR A 157 -25.77 -11.25 12.82
N ARG A 158 -26.80 -10.40 12.95
CA ARG A 158 -28.02 -10.81 13.57
C ARG A 158 -28.79 -11.89 12.82
N VAL A 159 -29.17 -12.93 13.56
CA VAL A 159 -30.04 -14.00 13.07
C VAL A 159 -31.26 -14.00 13.99
N SER A 160 -32.43 -13.98 13.33
CA SER A 160 -33.70 -13.95 14.08
C SER A 160 -33.98 -15.28 14.76
N SER A 161 -35.01 -15.31 15.59
CA SER A 161 -35.34 -16.57 16.34
C SER A 161 -35.68 -17.75 15.43
N ASN A 162 -36.15 -17.49 14.17
CA ASN A 162 -36.43 -18.57 13.24
C ASN A 162 -35.27 -19.09 12.40
N GLY A 163 -34.09 -18.51 12.71
CA GLY A 163 -32.84 -18.86 12.06
C GLY A 163 -32.55 -18.10 10.77
N SER A 164 -33.39 -17.13 10.41
CA SER A 164 -33.18 -16.36 9.19
C SER A 164 -32.36 -15.04 9.47
N PRO A 165 -31.49 -14.66 8.53
CA PRO A 165 -30.63 -13.54 8.84
C PRO A 165 -31.38 -12.20 8.70
N GLN A 166 -30.86 -11.16 9.26
CA GLN A 166 -31.40 -9.79 9.12
C GLN A 166 -30.47 -8.90 8.27
N GLY A 167 -31.05 -7.97 7.54
CA GLY A 167 -30.33 -6.91 6.89
C GLY A 167 -29.84 -5.84 7.89
N SER A 168 -29.10 -4.89 7.32
CA SER A 168 -28.62 -3.74 8.10
C SER A 168 -27.96 -4.14 9.45
N SER A 169 -27.13 -5.19 9.38
CA SER A 169 -26.49 -5.69 10.59
C SER A 169 -24.96 -5.63 10.43
N VAL A 170 -24.29 -5.46 11.57
CA VAL A 170 -22.83 -5.44 11.62
C VAL A 170 -22.45 -6.00 12.99
N GLY A 171 -21.36 -6.80 12.97
CA GLY A 171 -20.87 -7.35 14.24
C GLY A 171 -19.44 -7.83 14.07
N ARG A 172 -18.69 -7.81 15.21
CA ARG A 172 -17.29 -8.24 15.24
C ARG A 172 -16.97 -8.96 16.50
N ALA A 173 -15.93 -9.79 16.42
CA ALA A 173 -15.39 -10.45 17.62
C ALA A 173 -13.84 -10.23 17.57
N LEU A 174 -13.31 -9.70 18.68
CA LEU A 174 -11.82 -9.46 18.72
C LEU A 174 -11.31 -10.34 19.84
N PHE A 175 -10.07 -10.86 19.66
CA PHE A 175 -9.44 -11.60 20.82
C PHE A 175 -9.18 -10.62 21.94
N TYR A 176 -9.41 -11.10 23.15
CA TYR A 176 -9.27 -10.27 24.37
C TYR A 176 -7.95 -9.55 24.65
N ALA A 177 -6.82 -10.20 24.35
CA ALA A 177 -5.51 -9.62 24.64
C ALA A 177 -5.01 -8.81 23.45
N PRO A 178 -4.28 -7.73 23.76
CA PRO A 178 -3.50 -7.10 22.69
C PRO A 178 -2.39 -8.03 22.22
N VAL A 179 -1.95 -7.81 21.00
CA VAL A 179 -0.99 -8.65 20.28
C VAL A 179 0.16 -7.82 19.76
N HIS A 180 1.40 -8.30 19.96
CA HIS A 180 2.55 -7.51 19.55
C HIS A 180 2.93 -7.97 18.17
N ILE A 181 2.65 -7.14 17.17
CA ILE A 181 2.68 -7.58 15.80
C ILE A 181 4.00 -7.20 15.09
N TRP A 182 4.71 -6.20 15.56
CA TRP A 182 6.07 -5.88 15.07
C TRP A 182 6.88 -5.25 16.11
N GLU A 183 8.19 -5.38 15.92
CA GLU A 183 9.15 -4.68 16.75
C GLU A 183 10.33 -4.30 15.85
N ALA A 189 9.13 -11.81 12.49
CA ALA A 189 7.74 -11.54 12.85
C ALA A 189 6.82 -12.35 11.92
N SER A 190 5.80 -13.03 12.48
CA SER A 190 4.94 -13.83 11.63
C SER A 190 3.61 -14.05 12.23
N PHE A 191 2.60 -14.35 11.45
CA PHE A 191 1.31 -14.78 12.04
C PHE A 191 0.57 -15.69 11.07
N GLU A 192 -0.37 -16.43 11.61
CA GLU A 192 -1.29 -17.27 10.83
C GLU A 192 -2.68 -17.26 11.44
N ALA A 193 -3.73 -17.18 10.64
CA ALA A 193 -5.08 -17.33 11.15
C ALA A 193 -5.84 -18.33 10.27
N THR A 194 -6.69 -19.07 10.89
CA THR A 194 -7.64 -19.95 10.13
C THR A 194 -9.02 -19.78 10.72
N PHE A 195 -10.07 -19.80 9.89
CA PHE A 195 -11.44 -19.89 10.44
C PHE A 195 -12.30 -20.68 9.50
N THR A 196 -13.35 -21.26 10.07
CA THR A 196 -14.36 -21.94 9.24
C THR A 196 -15.65 -21.23 9.45
N PHE A 197 -16.43 -21.21 8.34
CA PHE A 197 -17.63 -20.32 8.30
C PHE A 197 -18.73 -20.96 7.51
N LEU A 198 -19.91 -20.45 7.78
CA LEU A 198 -21.12 -20.93 7.05
C LEU A 198 -21.97 -19.70 6.73
N ILE A 199 -21.95 -19.42 5.43
CA ILE A 199 -22.74 -18.27 4.87
C ILE A 199 -23.96 -18.85 4.12
N LYS A 200 -25.13 -18.55 4.65
CA LYS A 200 -26.33 -18.98 3.94
C LYS A 200 -27.29 -17.84 3.75
N SER A 201 -27.95 -17.91 2.61
CA SER A 201 -28.87 -16.87 2.18
C SER A 201 -30.10 -17.55 1.56
N HIS A 205 -29.83 -12.88 -3.25
CA HIS A 205 -28.43 -12.77 -3.36
C HIS A 205 -27.93 -12.54 -1.91
N PRO A 206 -26.79 -13.17 -1.60
CA PRO A 206 -26.18 -12.91 -0.27
C PRO A 206 -25.46 -11.57 -0.25
N ALA A 207 -25.27 -11.06 0.96
CA ALA A 207 -24.54 -9.81 1.21
C ALA A 207 -24.29 -9.79 2.72
N ASP A 208 -23.16 -9.26 3.19
CA ASP A 208 -22.14 -8.66 2.36
C ASP A 208 -20.82 -9.44 2.45
N GLY A 209 -20.53 -10.08 3.59
CA GLY A 209 -19.25 -10.80 3.66
C GLY A 209 -18.74 -10.85 5.12
N ILE A 210 -17.55 -11.50 5.17
CA ILE A 210 -16.81 -11.77 6.43
C ILE A 210 -15.37 -11.36 6.20
N ALA A 211 -14.73 -10.75 7.23
CA ALA A 211 -13.29 -10.42 7.13
C ALA A 211 -12.62 -10.87 8.43
N PHE A 212 -11.35 -11.24 8.23
CA PHE A 212 -10.34 -11.29 9.29
C PHE A 212 -9.57 -9.99 9.26
N PHE A 213 -9.39 -9.37 10.44
CA PHE A 213 -8.73 -8.11 10.46
C PHE A 213 -7.75 -7.97 11.63
N ILE A 214 -6.86 -7.03 11.44
CA ILE A 214 -5.90 -6.59 12.42
C ILE A 214 -6.03 -5.06 12.59
N SER A 215 -6.14 -4.55 13.79
CA SER A 215 -6.51 -3.17 14.06
C SER A 215 -5.76 -2.56 15.19
N ASN A 216 -5.81 -1.23 15.30
CA ASN A 216 -5.44 -0.59 16.53
C ASN A 216 -6.15 -1.27 17.70
N ILE A 217 -5.57 -1.24 18.90
CA ILE A 217 -6.09 -1.99 20.03
C ILE A 217 -7.49 -1.52 20.40
N ASP A 218 -7.76 -0.19 20.21
CA ASP A 218 -9.00 0.43 20.62
C ASP A 218 -10.06 0.46 19.55
N SER A 219 -9.89 -0.35 18.54
CA SER A 219 -10.79 -0.29 17.40
C SER A 219 -12.19 -0.68 17.73
N SER A 220 -13.18 -0.02 17.12
CA SER A 220 -14.61 -0.26 17.32
C SER A 220 -15.27 -0.08 16.01
N ILE A 221 -16.50 -0.56 15.89
CA ILE A 221 -17.22 -0.56 14.60
C ILE A 221 -17.48 0.90 14.20
N PRO A 222 -17.02 1.31 13.04
CA PRO A 222 -17.32 2.69 12.69
C PRO A 222 -18.78 2.94 12.49
N SER A 223 -19.28 4.13 12.81
CA SER A 223 -20.69 4.42 12.54
C SER A 223 -21.02 4.27 11.08
N GLY A 224 -22.15 3.64 10.76
CA GLY A 224 -22.53 3.55 9.37
C GLY A 224 -21.75 2.54 8.50
N SER A 225 -21.25 1.49 9.14
CA SER A 225 -20.39 0.53 8.42
C SER A 225 -21.03 -0.80 8.17
N THR A 226 -22.38 -0.80 8.17
CA THR A 226 -23.10 -1.96 7.64
C THR A 226 -22.88 -2.03 6.14
N GLY A 227 -23.43 -3.08 5.57
CA GLY A 227 -23.37 -3.20 4.13
C GLY A 227 -21.96 -3.27 3.59
N ARG A 228 -21.64 -2.57 2.52
CA ARG A 228 -20.40 -2.73 1.83
C ARG A 228 -19.12 -2.45 2.59
N LEU A 229 -19.25 -1.77 3.75
CA LEU A 229 -18.05 -1.36 4.51
C LEU A 229 -17.62 -2.45 5.52
N LEU A 230 -18.37 -3.57 5.63
CA LEU A 230 -17.95 -4.80 6.29
C LEU A 230 -17.65 -4.63 7.78
N GLY A 231 -18.16 -3.55 8.40
CA GLY A 231 -17.85 -3.30 9.80
C GLY A 231 -16.42 -2.78 10.03
N LEU A 232 -15.70 -2.45 8.97
CA LEU A 232 -14.27 -2.16 9.11
C LEU A 232 -13.93 -0.71 8.92
N PHE A 233 -14.58 -0.07 7.92
CA PHE A 233 -14.18 1.22 7.43
C PHE A 233 -15.29 2.25 7.60
N PRO A 234 -14.92 3.50 7.86
CA PRO A 234 -15.90 4.58 8.12
C PRO A 234 -16.49 5.18 6.83
N ASP A 235 -15.89 4.92 5.68
CA ASP A 235 -16.26 5.42 4.37
C ASP A 235 -15.63 4.55 3.33
N ALA A 236 -15.89 4.82 2.06
CA ALA A 236 -15.41 4.00 0.99
C ALA A 236 -14.19 4.56 0.35
N ASN A 237 -13.46 5.44 1.01
CA ASN A 237 -12.23 6.03 0.42
C ASN A 237 -11.18 4.99 0.12
N ALA B 1 -4.69 17.51 -0.95
CA ALA B 1 -3.24 17.34 -1.20
C ALA B 1 -3.10 16.56 -2.52
N ASP B 2 -1.88 16.59 -3.06
CA ASP B 2 -1.57 15.87 -4.29
C ASP B 2 -1.35 14.38 -3.95
N THR B 3 -1.56 13.53 -4.95
CA THR B 3 -1.41 12.10 -4.81
C THR B 3 -0.06 11.81 -5.50
N ILE B 4 0.85 11.14 -4.85
CA ILE B 4 2.25 10.95 -5.35
C ILE B 4 2.62 9.50 -5.29
N VAL B 5 3.16 8.95 -6.36
CA VAL B 5 3.93 7.72 -6.44
C VAL B 5 5.34 8.18 -6.86
N ALA B 6 6.35 7.76 -6.12
CA ALA B 6 7.71 8.21 -6.47
C ALA B 6 8.75 7.14 -6.18
N VAL B 7 9.90 7.28 -6.85
CA VAL B 7 11.16 6.60 -6.52
C VAL B 7 12.10 7.64 -6.03
N GLU B 8 12.53 7.45 -4.78
CA GLU B 8 13.51 8.39 -4.17
C GLU B 8 14.96 7.88 -4.14
N LEU B 9 15.84 8.80 -4.42
CA LEU B 9 17.31 8.67 -4.25
C LEU B 9 17.61 9.65 -3.07
N ASP B 10 17.56 8.98 -1.90
CA ASP B 10 17.55 9.75 -0.61
C ASP B 10 19.02 9.69 -0.10
N THR B 11 19.67 10.83 -0.20
CA THR B 11 21.08 10.97 0.15
C THR B 11 21.29 11.20 1.64
N TYR B 12 20.23 11.58 2.41
CA TYR B 12 20.41 12.06 3.84
C TYR B 12 19.50 11.24 4.76
N PRO B 13 20.05 10.36 5.65
CA PRO B 13 19.15 9.66 6.54
C PRO B 13 18.49 10.60 7.60
N ASN B 14 17.17 10.66 7.59
CA ASN B 14 16.36 11.37 8.59
C ASN B 14 15.75 10.23 9.39
N THR B 15 16.49 9.72 10.40
CA THR B 15 15.99 8.56 11.13
C THR B 15 14.80 8.87 12.05
N ASP B 16 14.56 10.14 12.32
CA ASP B 16 13.38 10.56 13.08
C ASP B 16 12.08 10.42 12.33
N ILE B 17 12.13 10.35 10.99
CA ILE B 17 10.95 10.07 10.18
C ILE B 17 11.05 8.73 9.42
N GLY B 18 11.79 7.76 9.97
CA GLY B 18 11.72 6.39 9.47
C GLY B 18 12.71 6.01 8.37
N ASP B 19 13.61 6.88 7.95
CA ASP B 19 14.58 6.47 6.92
C ASP B 19 15.75 5.66 7.51
N PRO B 20 16.07 4.49 6.94
CA PRO B 20 17.16 3.71 7.47
C PRO B 20 18.40 4.63 7.70
N SER B 21 19.40 4.11 8.41
N SER B 21 19.40 4.11 8.42
CA SER B 21 20.55 4.90 8.84
CA SER B 21 20.59 4.86 8.80
C SER B 21 21.59 5.25 7.79
C SER B 21 21.71 4.92 7.77
N TYR B 22 21.32 4.90 6.51
CA TYR B 22 22.25 5.07 5.41
C TYR B 22 21.50 5.62 4.21
N PRO B 23 22.24 6.27 3.29
CA PRO B 23 21.70 6.64 1.93
C PRO B 23 20.96 5.43 1.36
N HIS B 24 19.82 5.65 0.68
CA HIS B 24 18.96 4.56 0.27
C HIS B 24 18.12 4.96 -0.94
N ILE B 25 17.70 4.01 -1.71
N ILE B 25 17.76 3.95 -1.72
CA ILE B 25 16.65 4.33 -2.65
CA ILE B 25 16.71 4.03 -2.76
C ILE B 25 15.40 3.65 -2.15
C ILE B 25 15.40 3.62 -2.11
N GLY B 26 14.26 4.24 -2.44
CA GLY B 26 13.00 3.73 -1.99
C GLY B 26 11.83 4.04 -2.88
N ILE B 27 10.85 3.24 -2.68
CA ILE B 27 9.54 3.40 -3.35
C ILE B 27 8.54 4.05 -2.44
N ASP B 28 8.04 5.20 -2.85
CA ASP B 28 7.16 6.05 -1.99
C ASP B 28 5.79 6.03 -2.59
N ILE B 29 4.79 5.58 -1.82
CA ILE B 29 3.43 5.52 -2.30
C ILE B 29 2.60 6.38 -1.35
N LYS B 30 2.31 7.61 -1.74
CA LYS B 30 1.46 8.53 -0.92
C LYS B 30 2.07 8.91 0.46
N SER B 31 3.34 8.66 0.63
CA SER B 31 4.03 9.05 1.83
C SER B 31 5.53 9.09 1.57
N VAL B 32 6.23 9.98 2.27
CA VAL B 32 7.69 10.03 2.24
C VAL B 32 8.29 8.81 2.94
N ARG B 33 7.54 8.11 3.80
CA ARG B 33 7.99 6.94 4.46
C ARG B 33 7.90 5.75 3.56
N SER B 34 9.03 5.47 2.90
CA SER B 34 9.03 4.47 1.83
C SER B 34 8.40 3.14 2.20
N LYS B 35 7.65 2.53 1.31
CA LYS B 35 7.14 1.18 1.50
C LYS B 35 8.25 0.14 1.54
N LYS B 36 9.33 0.37 0.79
CA LYS B 36 10.50 -0.50 0.79
C LYS B 36 11.69 0.35 0.35
N THR B 37 12.86 0.02 0.89
CA THR B 37 14.13 0.67 0.64
C THR B 37 15.24 -0.37 0.40
N ALA B 38 16.30 0.11 -0.20
CA ALA B 38 17.54 -0.63 -0.36
C ALA B 38 18.69 0.33 -0.14
N LYS B 39 19.75 -0.22 0.52
CA LYS B 39 20.93 0.54 0.71
C LYS B 39 21.55 1.00 -0.61
N TRP B 40 22.00 2.22 -0.64
CA TRP B 40 22.57 2.91 -1.80
C TRP B 40 23.92 3.49 -1.49
N ASN B 41 24.94 2.90 -2.11
CA ASN B 41 26.29 3.39 -1.90
C ASN B 41 26.49 4.57 -2.81
N MET B 42 26.03 5.72 -2.36
CA MET B 42 26.00 6.94 -3.17
C MET B 42 27.40 7.48 -3.35
N GLN B 43 27.74 8.00 -4.53
CA GLN B 43 29.11 8.47 -4.81
C GLN B 43 29.14 9.93 -5.12
N ASN B 44 29.75 10.68 -4.21
CA ASN B 44 29.78 12.11 -4.29
C ASN B 44 30.62 12.56 -5.48
N GLY B 45 30.00 13.31 -6.38
CA GLY B 45 30.71 13.91 -7.50
C GLY B 45 30.76 13.04 -8.76
N LYS B 46 30.20 11.82 -8.74
CA LYS B 46 30.17 10.93 -9.93
C LYS B 46 28.77 10.90 -10.62
N VAL B 47 28.71 10.75 -11.94
CA VAL B 47 27.42 10.55 -12.69
C VAL B 47 26.83 9.18 -12.49
N GLY B 48 25.59 9.19 -12.02
CA GLY B 48 24.83 7.99 -11.77
C GLY B 48 23.63 7.96 -12.70
N THR B 49 23.08 6.77 -12.82
CA THR B 49 21.94 6.47 -13.67
C THR B 49 20.89 5.79 -12.84
N ALA B 50 19.63 6.19 -13.05
CA ALA B 50 18.51 5.59 -12.42
C ALA B 50 17.51 5.03 -13.47
N HIS B 51 16.98 3.89 -13.27
CA HIS B 51 16.05 3.26 -14.18
C HIS B 51 14.84 2.79 -13.47
N ILE B 52 13.64 3.24 -13.88
CA ILE B 52 12.38 2.89 -13.24
C ILE B 52 11.49 2.16 -14.23
N ILE B 53 10.89 1.10 -13.84
CA ILE B 53 10.03 0.34 -14.69
C ILE B 53 8.76 -0.09 -14.01
N TYR B 54 7.64 -0.10 -14.71
CA TYR B 54 6.37 -0.61 -14.21
C TYR B 54 5.65 -1.45 -15.30
N ASN B 55 5.09 -2.63 -15.10
CA ASN B 55 3.98 -3.15 -16.03
C ASN B 55 2.75 -3.61 -15.34
N SER B 56 1.60 -3.52 -16.05
CA SER B 56 0.31 -3.89 -15.48
C SER B 56 -0.03 -5.34 -15.54
N VAL B 57 0.91 -6.14 -16.07
CA VAL B 57 0.76 -7.56 -16.02
C VAL B 57 1.05 -7.94 -14.61
N ASP B 58 2.29 -7.70 -14.17
CA ASP B 58 2.55 -8.14 -12.79
C ASP B 58 2.29 -6.99 -11.78
N LYS B 59 2.11 -5.77 -12.28
CA LYS B 59 1.77 -4.61 -11.43
C LYS B 59 2.80 -4.43 -10.32
N ARG B 60 4.05 -4.29 -10.74
CA ARG B 60 5.16 -4.09 -9.81
C ARG B 60 5.97 -2.96 -10.28
N LEU B 61 6.26 -2.11 -9.33
CA LEU B 61 7.18 -0.96 -9.63
C LEU B 61 8.54 -1.36 -9.27
N SER B 62 9.50 -1.20 -10.18
CA SER B 62 10.88 -1.58 -9.89
C SER B 62 11.88 -0.51 -10.30
N ALA B 63 12.91 -0.32 -9.49
CA ALA B 63 13.91 0.66 -9.78
C ALA B 63 15.32 0.19 -9.52
N VAL B 64 16.28 0.74 -10.24
CA VAL B 64 17.67 0.37 -10.03
C VAL B 64 18.44 1.59 -10.18
N VAL B 65 19.42 1.83 -9.30
CA VAL B 65 20.34 2.90 -9.43
C VAL B 65 21.80 2.40 -9.46
N SER B 66 22.60 3.01 -10.29
CA SER B 66 23.96 2.53 -10.63
C SER B 66 24.90 3.62 -10.98
N TYR B 67 26.21 3.28 -10.79
CA TYR B 67 27.34 4.00 -11.37
C TYR B 67 28.23 3.00 -12.12
N PRO B 68 28.98 3.51 -13.11
CA PRO B 68 29.90 2.60 -13.80
C PRO B 68 30.95 2.11 -12.81
N ASN B 69 31.07 0.77 -12.79
CA ASN B 69 32.11 0.00 -12.08
C ASN B 69 31.80 -0.18 -10.63
N ALA B 70 30.50 -0.32 -10.30
CA ALA B 70 30.08 -0.54 -8.92
C ALA B 70 28.78 -1.30 -8.93
N ASP B 71 28.46 -1.97 -7.84
CA ASP B 71 27.24 -2.77 -7.78
C ASP B 71 26.04 -1.80 -7.70
N SER B 72 24.93 -2.22 -8.26
CA SER B 72 23.75 -1.36 -8.29
C SER B 72 22.91 -1.63 -7.04
N ALA B 73 21.99 -0.69 -6.76
CA ALA B 73 20.98 -0.84 -5.69
C ALA B 73 19.62 -0.99 -6.40
N THR B 74 18.84 -2.01 -6.09
N THR B 74 18.79 -1.87 -5.92
CA THR B 74 17.48 -2.26 -6.65
CA THR B 74 17.49 -2.18 -6.52
C THR B 74 16.46 -2.22 -5.54
C THR B 74 16.34 -2.50 -5.57
N VAL B 75 15.18 -1.98 -5.90
CA VAL B 75 14.00 -2.19 -5.05
C VAL B 75 12.76 -2.42 -5.92
N SER B 76 11.79 -3.18 -5.44
CA SER B 76 10.60 -3.53 -6.21
C SER B 76 9.48 -3.61 -5.25
N TYR B 77 8.23 -3.29 -5.69
CA TYR B 77 7.09 -3.39 -4.83
C TYR B 77 5.79 -3.57 -5.58
N ASP B 78 4.86 -4.31 -5.01
CA ASP B 78 3.46 -4.42 -5.57
C ASP B 78 2.80 -3.08 -5.47
N VAL B 79 2.25 -2.62 -6.58
CA VAL B 79 1.33 -1.51 -6.53
C VAL B 79 0.38 -1.47 -7.74
N ASP B 80 -0.93 -1.41 -7.49
CA ASP B 80 -1.91 -1.31 -8.58
C ASP B 80 -2.21 0.21 -8.73
N LEU B 81 -1.67 0.79 -9.78
CA LEU B 81 -1.82 2.22 -9.99
C LEU B 81 -3.24 2.73 -10.13
N ASP B 82 -4.20 1.90 -10.51
CA ASP B 82 -5.59 2.33 -10.60
C ASP B 82 -6.12 2.78 -9.22
N ASN B 83 -5.64 2.13 -8.16
CA ASN B 83 -6.06 2.46 -6.80
C ASN B 83 -5.39 3.68 -6.24
N VAL B 84 -4.18 3.99 -6.73
CA VAL B 84 -3.44 5.04 -6.12
C VAL B 84 -3.50 6.30 -6.91
N LEU B 85 -3.42 6.20 -8.25
CA LEU B 85 -3.29 7.43 -9.06
C LEU B 85 -4.55 7.68 -9.86
N PRO B 86 -4.81 8.96 -10.20
CA PRO B 86 -5.89 9.25 -11.12
C PRO B 86 -5.51 8.67 -12.51
N GLU B 87 -6.47 8.60 -13.41
CA GLU B 87 -6.28 8.03 -14.68
C GLU B 87 -5.23 8.80 -15.59
N TRP B 88 -5.26 10.12 -15.43
CA TRP B 88 -4.31 11.04 -16.12
C TRP B 88 -3.45 11.64 -15.09
N VAL B 89 -2.15 11.68 -15.39
CA VAL B 89 -1.11 12.15 -14.44
C VAL B 89 -0.13 13.06 -15.14
N ARG B 90 0.81 13.56 -14.34
CA ARG B 90 1.95 14.37 -14.78
C ARG B 90 3.21 13.68 -14.21
N VAL B 91 4.26 13.53 -15.02
CA VAL B 91 5.49 12.85 -14.60
C VAL B 91 6.55 13.92 -14.44
N GLY B 92 7.45 13.74 -13.49
CA GLY B 92 8.43 14.69 -13.17
C GLY B 92 9.64 14.15 -12.40
N LEU B 93 10.51 15.14 -12.19
CA LEU B 93 11.71 15.00 -11.35
C LEU B 93 11.63 16.10 -10.30
N SER B 94 11.99 15.69 -9.06
CA SER B 94 12.02 16.60 -7.89
C SER B 94 13.35 16.48 -7.12
N ALA B 95 13.74 17.57 -6.47
CA ALA B 95 14.90 17.53 -5.58
C ALA B 95 14.78 18.59 -4.55
N SER B 96 15.59 18.37 -3.45
CA SER B 96 15.70 19.41 -2.42
C SER B 96 17.03 19.39 -1.71
N THR B 97 17.17 20.43 -0.92
CA THR B 97 18.29 20.63 0.02
C THR B 97 17.65 21.19 1.26
N GLY B 98 18.39 21.15 2.35
CA GLY B 98 17.94 21.59 3.69
C GLY B 98 19.07 22.34 4.34
N LEU B 99 19.42 21.88 5.56
CA LEU B 99 20.60 22.40 6.23
C LEU B 99 21.81 22.00 5.41
N TYR B 100 21.85 20.72 5.04
CA TYR B 100 22.94 20.15 4.24
C TYR B 100 22.45 20.16 2.79
N LYS B 101 23.40 20.07 1.92
CA LYS B 101 23.09 20.29 0.53
C LYS B 101 23.92 19.49 -0.45
N GLU B 102 23.58 19.66 -1.72
CA GLU B 102 24.25 18.98 -2.83
C GLU B 102 23.63 19.47 -4.13
N THR B 103 24.33 19.26 -5.24
CA THR B 103 23.85 19.68 -6.53
C THR B 103 22.82 18.59 -6.84
N ASN B 104 21.75 18.96 -7.52
CA ASN B 104 20.79 18.00 -8.01
C ASN B 104 20.64 18.17 -9.51
N THR B 105 21.72 17.76 -10.20
CA THR B 105 21.92 18.14 -11.59
C THR B 105 21.46 16.93 -12.42
N ILE B 106 20.54 17.20 -13.38
CA ILE B 106 20.09 16.18 -14.29
C ILE B 106 20.65 16.42 -15.69
N LEU B 107 21.33 15.37 -16.17
CA LEU B 107 22.05 15.49 -17.47
C LEU B 107 21.20 14.91 -18.58
N SER B 108 20.32 14.02 -18.27
CA SER B 108 19.45 13.40 -19.24
C SER B 108 18.23 12.81 -18.57
N TRP B 109 17.08 12.71 -19.30
CA TRP B 109 15.81 12.15 -18.74
C TRP B 109 15.00 11.61 -19.91
N SER B 110 14.65 10.40 -19.86
CA SER B 110 13.72 9.80 -20.85
C SER B 110 12.58 9.13 -20.17
N PHE B 111 11.46 9.01 -20.88
CA PHE B 111 10.22 8.41 -20.34
C PHE B 111 9.43 7.78 -21.48
N THR B 112 8.92 6.63 -21.29
CA THR B 112 8.04 5.94 -22.27
C THR B 112 6.85 5.36 -21.54
N SER B 113 5.63 5.58 -22.00
N SER B 113 5.66 5.53 -22.06
CA SER B 113 4.42 4.94 -21.43
CA SER B 113 4.50 4.83 -21.59
C SER B 113 3.53 4.45 -22.58
C SER B 113 3.72 4.23 -22.75
N LYS B 114 2.93 3.26 -22.44
CA LYS B 114 2.06 2.57 -23.38
C LYS B 114 0.83 2.09 -22.68
N LEU B 115 -0.32 2.17 -23.32
CA LEU B 115 -1.60 1.85 -22.65
C LEU B 115 -2.36 1.15 -23.74
N LYS B 116 -2.49 -0.18 -23.62
CA LYS B 116 -2.86 -0.99 -24.75
C LYS B 116 -4.25 -1.53 -24.49
N THR B 123 -3.05 0.28 -29.14
CA THR B 123 -2.08 0.85 -28.21
C THR B 123 -1.88 2.31 -28.47
N ASN B 124 -1.92 3.11 -27.40
CA ASN B 124 -1.56 4.52 -27.36
C ASN B 124 -0.22 4.63 -26.68
N ALA B 125 0.63 5.56 -27.10
CA ALA B 125 1.95 5.67 -26.48
C ALA B 125 2.41 7.08 -26.35
N LEU B 126 3.36 7.33 -25.46
CA LEU B 126 4.06 8.63 -25.32
C LEU B 126 5.52 8.31 -25.06
N HIS B 127 6.41 8.93 -25.77
CA HIS B 127 7.83 8.88 -25.49
C HIS B 127 8.44 10.24 -25.56
N PHE B 128 9.29 10.61 -24.59
CA PHE B 128 10.15 11.76 -24.73
C PHE B 128 11.60 11.40 -24.27
N MET B 129 12.54 12.14 -24.84
CA MET B 129 13.97 11.97 -24.48
C MET B 129 14.60 13.30 -24.44
N PHE B 130 15.25 13.65 -23.31
CA PHE B 130 16.09 14.85 -23.22
C PHE B 130 17.53 14.43 -22.95
N ASN B 131 18.38 14.71 -23.87
CA ASN B 131 19.86 14.48 -23.63
C ASN B 131 20.55 15.77 -23.46
N GLN B 132 19.88 16.89 -23.70
CA GLN B 132 20.34 18.15 -23.26
C GLN B 132 19.10 19.02 -22.99
N PHE B 133 19.28 20.11 -22.26
CA PHE B 133 18.22 20.99 -21.85
C PHE B 133 18.58 22.35 -22.28
N SER B 134 17.72 23.08 -22.98
CA SER B 134 18.06 24.46 -23.42
C SER B 134 17.61 25.46 -22.35
N LYS B 135 18.04 26.69 -22.52
CA LYS B 135 17.68 27.74 -21.66
C LYS B 135 16.16 28.07 -21.64
N ASP B 136 15.46 27.79 -22.73
CA ASP B 136 13.98 27.86 -22.68
C ASP B 136 13.47 26.52 -23.24
N GLN B 137 13.35 25.60 -22.31
CA GLN B 137 12.85 24.27 -22.63
C GLN B 137 11.36 24.22 -22.38
N LYS B 138 10.63 24.66 -23.40
CA LYS B 138 9.21 24.97 -23.22
C LYS B 138 8.35 23.75 -22.90
N ASP B 139 8.82 22.55 -23.16
CA ASP B 139 8.11 21.30 -22.87
C ASP B 139 8.29 20.72 -21.47
N LEU B 140 8.99 21.52 -20.65
CA LEU B 140 9.10 21.25 -19.21
C LEU B 140 8.39 22.40 -18.46
N ILE B 141 7.70 21.97 -17.43
CA ILE B 141 7.11 22.89 -16.46
C ILE B 141 8.09 22.95 -15.29
N LEU B 142 8.72 24.10 -15.11
CA LEU B 142 9.71 24.24 -14.01
C LEU B 142 9.00 24.87 -12.83
N GLN B 143 9.15 24.17 -11.71
CA GLN B 143 8.64 24.66 -10.44
C GLN B 143 9.73 25.00 -9.45
N GLY B 144 9.44 25.96 -8.57
CA GLY B 144 10.36 26.29 -7.47
C GLY B 144 11.65 26.83 -8.04
N ASP B 145 12.75 26.26 -7.56
CA ASP B 145 14.06 26.78 -7.88
C ASP B 145 14.65 26.14 -9.16
N ALA B 146 13.95 25.18 -9.79
CA ALA B 146 14.51 24.49 -10.94
C ALA B 146 14.79 25.39 -12.14
N THR B 147 15.95 25.17 -12.80
CA THR B 147 16.33 25.95 -13.97
C THR B 147 17.03 25.07 -15.00
N THR B 148 16.98 25.53 -16.26
CA THR B 148 17.57 24.77 -17.35
C THR B 148 18.55 25.65 -18.09
N GLY B 149 19.50 24.95 -18.73
CA GLY B 149 20.39 25.54 -19.75
C GLY B 149 21.83 25.87 -19.34
N THR B 150 22.11 25.94 -18.03
CA THR B 150 23.51 26.06 -17.56
C THR B 150 24.26 24.73 -17.91
N ASP B 151 25.29 24.86 -18.74
CA ASP B 151 25.95 23.73 -19.36
C ASP B 151 25.02 22.71 -20.08
N GLY B 152 23.83 23.14 -20.57
CA GLY B 152 22.84 22.19 -21.08
C GLY B 152 22.18 21.18 -20.10
N ASN B 153 22.27 21.44 -18.81
CA ASN B 153 21.69 20.61 -17.85
C ASN B 153 20.46 21.24 -17.21
N LEU B 154 19.78 20.32 -16.48
CA LEU B 154 18.60 20.72 -15.65
C LEU B 154 19.15 20.75 -14.18
N GLU B 155 19.10 21.92 -13.59
CA GLU B 155 19.50 22.07 -12.14
C GLU B 155 18.21 22.10 -11.32
N LEU B 156 17.89 21.00 -10.58
CA LEU B 156 16.55 20.94 -9.86
C LEU B 156 16.58 21.92 -8.71
N THR B 157 17.72 22.02 -8.00
CA THR B 157 17.86 22.97 -6.88
C THR B 157 18.86 24.10 -7.17
N ARG B 158 18.88 25.11 -6.33
CA ARG B 158 19.64 26.37 -6.60
C ARG B 158 21.15 26.12 -6.50
N VAL B 159 21.83 26.63 -7.51
CA VAL B 159 23.28 26.60 -7.58
C VAL B 159 23.72 28.04 -7.79
N SER B 160 24.93 28.36 -7.34
CA SER B 160 25.53 29.66 -7.60
C SER B 160 26.08 29.69 -9.04
N SER B 164 28.04 26.01 -7.14
CA SER B 164 28.03 25.45 -5.77
C SER B 164 26.58 25.34 -5.19
N PRO B 165 26.28 24.24 -4.49
CA PRO B 165 24.86 24.01 -4.14
C PRO B 165 24.43 24.87 -2.94
N GLN B 166 23.18 25.31 -2.92
CA GLN B 166 22.64 26.10 -1.81
C GLN B 166 21.66 25.25 -0.98
N GLY B 167 21.51 25.64 0.29
CA GLY B 167 20.61 24.96 1.24
C GLY B 167 19.20 25.47 1.14
N SER B 168 18.29 24.76 1.78
CA SER B 168 16.88 25.13 1.77
C SER B 168 16.27 25.48 0.41
N SER B 169 16.53 24.61 -0.56
CA SER B 169 16.09 24.77 -1.95
C SER B 169 15.24 23.53 -2.29
N VAL B 170 14.28 23.80 -3.17
CA VAL B 170 13.41 22.78 -3.68
C VAL B 170 13.03 23.22 -5.12
N GLY B 171 13.01 22.20 -5.98
CA GLY B 171 12.59 22.45 -7.35
C GLY B 171 12.21 21.18 -8.05
N ARG B 172 11.41 21.33 -9.10
CA ARG B 172 10.94 20.20 -9.86
C ARG B 172 10.69 20.56 -11.32
N ALA B 173 10.69 19.54 -12.16
CA ALA B 173 10.47 19.71 -13.60
C ALA B 173 9.52 18.61 -14.03
N LEU B 174 8.39 19.04 -14.64
CA LEU B 174 7.34 18.05 -15.05
C LEU B 174 7.23 18.13 -16.57
N PHE B 175 7.01 16.99 -17.20
CA PHE B 175 6.75 17.04 -18.67
C PHE B 175 5.45 17.77 -18.91
N TYR B 176 5.39 18.58 -19.95
CA TYR B 176 4.25 19.47 -20.17
C TYR B 176 2.94 18.70 -20.39
N ALA B 177 2.96 17.63 -21.18
CA ALA B 177 1.71 16.95 -21.52
C ALA B 177 1.29 16.04 -20.36
N PRO B 178 -0.03 15.95 -20.10
CA PRO B 178 -0.52 14.86 -19.24
C PRO B 178 -0.30 13.55 -19.90
N VAL B 179 -0.25 12.50 -19.06
CA VAL B 179 0.00 11.16 -19.46
C VAL B 179 -1.17 10.25 -19.02
N HIS B 180 -1.61 9.39 -19.93
CA HIS B 180 -2.67 8.45 -19.60
C HIS B 180 -2.09 7.18 -19.03
N ILE B 181 -2.17 7.03 -17.70
CA ILE B 181 -1.39 5.99 -17.01
C ILE B 181 -2.20 4.71 -16.76
N TRP B 182 -3.53 4.78 -16.86
CA TRP B 182 -4.37 3.62 -16.64
C TRP B 182 -5.82 3.93 -17.01
N VAL B 188 -2.92 -4.21 -21.28
CA VAL B 188 -1.68 -4.02 -20.57
C VAL B 188 -1.22 -2.56 -20.70
N ALA B 189 -0.58 -2.12 -19.64
CA ALA B 189 -0.35 -0.71 -19.42
C ALA B 189 1.11 -0.73 -18.89
N SER B 190 1.96 0.26 -19.19
CA SER B 190 3.38 0.17 -18.80
C SER B 190 4.12 1.40 -18.92
N PHE B 191 5.13 1.59 -18.13
CA PHE B 191 6.04 2.68 -18.32
C PHE B 191 7.47 2.47 -17.93
N GLU B 192 8.37 3.26 -18.45
CA GLU B 192 9.77 3.26 -18.05
C GLU B 192 10.32 4.64 -18.03
N ALA B 193 11.24 4.91 -17.09
CA ALA B 193 11.90 6.20 -17.00
C ALA B 193 13.35 5.94 -16.71
N THR B 194 14.18 6.77 -17.27
CA THR B 194 15.59 6.73 -17.05
C THR B 194 16.10 8.15 -16.89
N PHE B 195 17.00 8.42 -15.94
CA PHE B 195 17.64 9.66 -15.88
C PHE B 195 19.14 9.54 -15.46
N THR B 196 19.94 10.53 -15.83
CA THR B 196 21.32 10.56 -15.32
C THR B 196 21.38 11.79 -14.49
N PHE B 197 22.20 11.65 -13.39
CA PHE B 197 22.31 12.74 -12.40
C PHE B 197 23.73 12.88 -11.82
N LEU B 198 24.01 14.09 -11.39
CA LEU B 198 25.31 14.43 -10.73
C LEU B 198 24.98 15.13 -9.42
N ILE B 199 25.17 14.33 -8.34
CA ILE B 199 25.08 14.87 -6.97
C ILE B 199 26.51 15.08 -6.42
N LYS B 200 26.89 16.33 -6.26
CA LYS B 200 28.22 16.77 -5.72
C LYS B 200 27.90 17.57 -4.44
N SER B 201 28.78 17.58 -3.45
CA SER B 201 28.55 18.42 -2.27
C SER B 201 29.93 18.73 -1.63
N PRO B 202 30.19 20.00 -1.21
CA PRO B 202 31.36 20.18 -0.29
C PRO B 202 31.13 19.61 1.14
N ASP B 203 29.89 19.54 1.61
CA ASP B 203 29.59 18.88 2.91
C ASP B 203 30.04 17.42 2.87
N SER B 204 30.48 16.89 4.01
CA SER B 204 30.65 15.42 4.17
C SER B 204 29.29 14.67 4.35
N HIS B 205 28.24 15.45 4.63
N HIS B 205 28.20 15.41 4.46
CA HIS B 205 26.86 15.01 4.49
CA HIS B 205 26.86 14.84 4.56
C HIS B 205 26.21 15.75 3.31
C HIS B 205 25.91 15.44 3.52
N PRO B 206 26.00 15.03 2.21
CA PRO B 206 25.07 15.63 1.18
C PRO B 206 23.63 15.49 1.61
N ALA B 207 22.80 16.45 1.20
CA ALA B 207 21.36 16.24 1.38
C ALA B 207 20.69 17.03 0.29
N ASP B 208 19.46 16.66 -0.05
CA ASP B 208 18.78 15.55 0.58
C ASP B 208 18.51 14.45 -0.44
N GLY B 209 18.27 14.82 -1.70
CA GLY B 209 18.02 13.77 -2.68
C GLY B 209 17.21 14.25 -3.92
N ILE B 210 17.03 13.25 -4.78
CA ILE B 210 16.25 13.38 -6.05
C ILE B 210 15.23 12.32 -6.13
N ALA B 211 14.05 12.61 -6.78
CA ALA B 211 13.02 11.65 -6.99
C ALA B 211 12.42 11.81 -8.42
N PHE B 212 12.13 10.67 -8.96
CA PHE B 212 11.16 10.59 -10.09
C PHE B 212 9.78 10.37 -9.52
N PHE B 213 8.78 11.14 -9.97
CA PHE B 213 7.45 11.05 -9.43
C PHE B 213 6.40 11.07 -10.50
N ILE B 214 5.23 10.56 -10.10
CA ILE B 214 4.04 10.60 -10.93
C ILE B 214 2.94 11.20 -10.02
N SER B 215 2.18 12.12 -10.54
CA SER B 215 1.26 12.97 -9.72
C SER B 215 -0.02 13.32 -10.40
N ASN B 216 -1.03 13.79 -9.61
CA ASN B 216 -2.10 14.50 -10.29
C ASN B 216 -1.61 15.59 -11.26
N ILE B 217 -2.35 15.82 -12.31
CA ILE B 217 -1.86 16.73 -13.39
C ILE B 217 -1.53 18.13 -12.85
N ASP B 218 -2.24 18.59 -11.83
CA ASP B 218 -2.05 19.95 -11.33
C ASP B 218 -1.18 20.00 -10.10
N SER B 219 -0.36 18.99 -9.88
CA SER B 219 0.57 18.96 -8.75
C SER B 219 1.53 20.15 -8.70
N SER B 220 1.75 20.66 -7.52
CA SER B 220 2.64 21.80 -7.27
C SER B 220 3.46 21.43 -6.04
N ILE B 221 4.55 22.16 -5.86
CA ILE B 221 5.43 21.88 -4.74
C ILE B 221 4.64 22.17 -3.41
N PRO B 222 4.52 21.18 -2.55
CA PRO B 222 3.84 21.52 -1.27
C PRO B 222 4.58 22.55 -0.49
N SER B 223 3.80 23.41 0.19
CA SER B 223 4.50 24.38 1.05
C SER B 223 5.32 23.68 2.13
N GLY B 224 6.51 24.19 2.35
CA GLY B 224 7.42 23.61 3.37
C GLY B 224 8.04 22.24 3.06
N SER B 225 8.15 21.94 1.75
CA SER B 225 8.70 20.67 1.34
C SER B 225 10.16 20.65 0.92
N THR B 226 10.94 21.60 1.42
CA THR B 226 12.40 21.54 1.31
C THR B 226 12.89 20.42 2.19
N GLY B 227 14.16 20.10 2.14
CA GLY B 227 14.73 19.15 3.06
C GLY B 227 14.29 17.75 2.92
N ARG B 228 13.97 17.09 4.02
CA ARG B 228 13.66 15.73 4.03
C ARG B 228 12.37 15.33 3.24
N LEU B 229 11.49 16.30 2.91
CA LEU B 229 10.25 15.98 2.14
C LEU B 229 10.41 16.02 0.58
N LEU B 230 11.63 16.36 0.11
CA LEU B 230 12.02 16.08 -1.33
C LEU B 230 11.20 16.83 -2.32
N GLY B 231 10.52 17.90 -1.92
CA GLY B 231 9.57 18.56 -2.79
C GLY B 231 8.32 17.83 -3.19
N LEU B 232 8.04 16.72 -2.50
CA LEU B 232 6.95 15.80 -2.83
C LEU B 232 5.71 15.84 -1.90
N PHE B 233 5.95 16.03 -0.58
CA PHE B 233 4.93 15.81 0.39
C PHE B 233 4.84 17.03 1.29
N PRO B 234 3.62 17.25 1.85
CA PRO B 234 3.44 18.43 2.73
C PRO B 234 3.86 18.13 4.18
N ASP B 235 4.05 16.90 4.49
CA ASP B 235 4.46 16.45 5.85
C ASP B 235 5.10 15.07 5.80
N ALA B 236 5.56 14.58 6.96
CA ALA B 236 6.26 13.30 7.00
C ALA B 236 5.34 12.16 7.33
N ASN B 237 4.01 12.31 7.22
CA ASN B 237 3.11 11.21 7.62
C ASN B 237 3.25 9.96 6.76
MN MN C . -14.61 -6.14 -2.12
CA CA D . -18.74 -5.80 -1.61
O7P R3M E . -29.42 0.57 -3.37
C7P R3M E . -30.05 1.54 -3.34
O1 R3M E . -29.86 2.52 -2.38
C2 R3M E . -28.89 2.34 -1.43
C3 R3M E . -27.75 3.35 -1.85
O4 R3M E . -27.32 3.03 -3.14
C5 R3M E . -26.77 3.99 -3.98
C6 R3M E . -26.48 3.32 -5.29
O7 R3M E . -25.39 2.44 -5.18
C8 R3M E . -24.76 1.78 -6.35
C9 R3M E . -25.32 0.42 -6.86
N3T R3M E . -25.68 -0.64 -5.88
N2T R3M E . -26.40 0.00 -5.20
C4T R3M E . -25.69 -1.88 -5.37
C5T R3M E . -26.55 -1.73 -4.26
C1 R3M E . -27.23 -2.21 -2.97
O1M R3M E . -26.49 -1.54 -1.88
C1M R3M E . -26.96 -1.75 -0.60
C2M R3M E . -25.94 -0.98 0.16
O2M R3M E . -25.97 0.35 0.09
C3M R3M E . -24.63 -1.59 0.27
O3M R3M E . -23.87 -0.95 1.34
C4M R3M E . -24.67 -3.04 0.45
O4M R3M E . -23.41 -3.53 0.13
C5M R3M E . -25.66 -3.74 -0.45
C6M R3M E . -25.82 -5.17 -0.17
O6M R3M E . -26.19 -5.47 1.15
O5M R3M E . -26.96 -3.14 -0.31
N1T R3M E . -26.88 -0.59 -4.28
C1P R3M E . -30.98 1.98 -4.42
C6P R3M E . -31.33 3.31 -4.49
C5P R3M E . -32.14 3.77 -5.45
C4P R3M E . -32.64 2.94 -6.35
C3P R3M E . -32.33 1.58 -6.33
C2P R3M E . -31.48 1.12 -5.35
C4B R3M E . -31.11 -0.40 -5.25
C2A R3M E . -30.11 -0.98 -6.09
C3A R3M E . -29.45 -0.10 -7.00
C4A R3M E . -28.43 -0.67 -7.90
C5A R3M E . -28.05 -2.14 -7.82
N1A R3M E . -27.12 -2.74 -8.74
C21 R3M E . -26.49 -1.87 -9.71
C22 R3M E . -27.33 -1.63 -10.91
C11 R3M E . -27.00 -4.12 -8.82
C12 R3M E . -25.76 -4.64 -8.07
C6A R3M E . -28.81 -3.03 -6.90
C1A R3M E . -29.80 -2.34 -6.05
O1B R3M E . -30.45 -3.23 -5.18
C2C R3M E . -31.45 -2.68 -4.33
C3C R3M E . -32.07 -3.59 -3.51
C1C R3M E . -31.79 -1.34 -4.35
C6C R3M E . -32.74 -0.88 -3.51
C5C R3M E . -33.38 -1.77 -2.67
C4C R3M E . -33.02 -3.14 -2.69
N1C R3M E . -33.65 -4.03 -1.83
C23 R3M E . -34.75 -3.57 -0.97
C24 R3M E . -34.23 -2.89 0.31
C13 R3M E . -33.31 -5.39 -1.71
C14 R3M E . -34.02 -6.30 -2.73
H1 R3M E . -28.55 1.43 -1.43
H2 R3M E . -29.24 2.57 -0.57
H3 R3M E . -28.10 4.23 -1.83
H4 R3M E . -27.02 3.26 -1.22
H5 R3M E . -25.94 4.32 -3.62
H6 R3M E . -27.39 4.74 -4.12
H7 R3M E . -27.28 2.85 -5.55
H8 R3M E . -26.29 4.04 -5.97
H9 R3M E . -23.83 1.64 -6.14
H10 R3M E . -24.80 2.41 -7.09
H11 R3M E . -24.65 0.04 -7.44
H12 R3M E . -26.08 0.62 -7.39
H13 R3M E . -25.24 -2.65 -5.66
H14 R3M E . -27.17 -3.19 -2.87
H15 R3M E . -28.17 -1.93 -2.92
H16 R3M E . -27.84 -1.38 -0.48
H17 R3M E . -26.27 -1.11 1.08
H18 R3M E . -26.47 0.67 0.71
H19 R3M E . -24.20 -1.41 -0.56
H20 R3M E . -23.51 -0.26 1.04
H21 R3M E . -24.89 -3.24 1.35
H22 R3M E . -23.24 -3.39 -0.68
H23 R3M E . -25.38 -3.61 -1.36
H24 R3M E . -24.98 -5.60 -0.35
H25 R3M E . -26.48 -5.52 -0.80
H26 R3M E . -26.69 -4.86 1.46
H27 R3M E . -30.97 3.91 -3.84
H28 R3M E . -32.38 4.70 -5.50
H29 R3M E . -33.23 3.28 -7.03
H30 R3M E . -32.67 0.98 -6.96
H32 R3M E . -29.68 0.82 -7.04
H33 R3M E . -27.95 -0.07 -8.53
H34 R3M E . -25.66 -2.26 -10.00
H35 R3M E . -26.30 -1.03 -9.31
H36 R3M E . -27.93 -0.88 -10.78
H37 R3M E . -26.75 -1.44 -11.69
H38 R3M E . -27.83 -2.43 -11.11
H39 R3M E . -27.78 -4.57 -8.46
H40 R3M E . -26.92 -4.37 -9.75
H41 R3M E . -24.99 -4.09 -8.31
H42 R3M E . -25.90 -4.59 -7.11
H43 R3M E . -25.61 -5.56 -8.33
H44 R3M E . -28.64 -3.96 -6.82
H45 R3M E . -31.82 -4.54 -3.52
H46 R3M E . -32.97 0.05 -3.51
H47 R3M E . -34.07 -1.45 -2.06
H48 R3M E . -35.32 -4.31 -0.73
H49 R3M E . -35.25 -2.92 -1.48
H50 R3M E . -33.59 -2.19 0.06
H51 R3M E . -33.78 -3.54 0.87
H52 R3M E . -34.97 -2.51 0.79
H53 R3M E . -33.54 -5.69 -0.84
H54 R3M E . -32.36 -5.48 -1.85
H55 R3M E . -34.96 -6.23 -2.63
H56 R3M E . -33.77 -6.02 -3.62
H57 R3M E . -33.75 -7.19 -2.58
O7P R3M F . 17.34 22.70 10.34
C7P R3M F . 17.58 22.91 11.54
O1 R3M F . 17.18 21.89 12.32
C2 R3M F . 15.98 21.16 12.01
C3 R3M F . 15.37 20.66 13.36
O4 R3M F . 16.24 19.63 13.85
C5 R3M F . 15.72 19.08 15.07
C6 R3M F . 16.36 17.79 15.41
O7 R3M F . 16.36 16.93 14.24
C8 R3M F . 17.21 15.78 14.32
C9 R3M F . 18.70 16.06 14.01
N3T R3M F . 18.90 16.71 12.70
N2T R3M F . 19.25 15.88 11.70
C4T R3M F . 18.69 17.94 12.38
C5T R3M F . 18.95 18.03 11.01
C1 R3M F . 18.91 19.19 10.02
O1M R3M F . 17.64 18.95 9.35
C1M R3M F . 17.48 19.92 8.30
C2M R3M F . 16.07 19.65 7.86
O2M R3M F . 15.13 20.25 8.78
C3M R3M F . 15.78 18.40 7.17
O3M R3M F . 14.47 18.42 6.54
C4M R3M F . 16.87 17.99 6.14
O4M R3M F . 16.62 16.66 5.87
C5M R3M F . 18.27 18.21 6.77
C6M R3M F . 19.31 17.95 5.70
O6M R3M F . 19.39 18.98 4.78
O5M R3M F . 18.43 19.56 7.24
N1T R3M F . 19.25 16.79 10.72
C1P R3M F . 18.72 23.75 11.89
C6P R3M F . 19.11 24.77 11.04
C5P R3M F . 20.11 25.63 11.26
C4P R3M F . 20.80 25.48 12.45
C3P R3M F . 20.43 24.40 13.33
C2P R3M F . 19.40 23.56 13.05
C4B R3M F . 19.17 22.50 14.17
C2A R3M F . 18.20 22.67 15.19
C3A R3M F . 17.36 23.83 15.25
C4A R3M F . 16.42 24.11 16.36
C5A R3M F . 16.19 22.92 17.26
N1A R3M F . 15.30 22.99 18.33
C21 R3M F . 14.52 24.26 18.46
C22 R3M F . 15.17 25.34 19.29
C11 R3M F . 15.11 21.95 19.29
C12 R3M F . 14.34 20.81 18.61
C6A R3M F . 17.13 21.82 17.24
C1A R3M F . 18.09 21.72 16.22
O1B R3M F . 18.88 20.55 16.32
C2C R3M F . 19.78 20.38 15.24
C3C R3M F . 20.57 19.21 15.34
C1C R3M F . 19.92 21.27 14.20
C6C R3M F . 20.84 20.94 13.19
C5C R3M F . 21.56 19.75 13.26
C4C R3M F . 21.47 18.87 14.37
N1C R3M F . 22.24 17.68 14.49
C23 R3M F . 22.09 16.86 15.66
C24 R3M F . 23.08 17.41 16.74
C13 R3M F . 23.27 17.37 13.51
C14 R3M F . 22.70 16.51 12.35
CA CA G . 16.01 11.59 3.88
CA CA H . 2.71 26.67 -24.55
MN MN I . 13.98 8.08 2.62
#